data_6VOU
#
_entry.id   6VOU
#
_cell.length_a   73.510
_cell.length_b   73.510
_cell.length_c   147.120
_cell.angle_alpha   90.000
_cell.angle_beta   90.000
_cell.angle_gamma   120.000
#
_symmetry.space_group_name_H-M   'P 32 2 1'
#
loop_
_entity.id
_entity.type
_entity.pdbx_description
1 polymer "Aminoglycoside 2'-N-acetyltransferase"
2 non-polymer 'COENZYME A'
3 non-polymer "3,3',3''-phosphanetriyltripropanoic acid"
4 non-polymer (4S)-2-METHYL-2,4-PENTANEDIOL
5 non-polymer (2S)-N-[(1R,2S,3S,4R,5S)-4-{[(2S,3R)-3-(acetylamino)-6-{[(2-hydroxyethyl)amino]methyl}-3,4-dihydro-2H-pyran-2-yl]oxy}-5-amino-2-{[3-deoxy-4-C-methyl-3-(methylamino)-beta-L-arabinopyranosyl]oxy}-3-hydroxycyclohexyl]-4-amino-2-hydroxybutanamide
6 water water
#
_entity_poly.entity_id   1
_entity_poly.type   'polypeptide(L)'
_entity_poly.pdbx_seq_one_letter_code
;HMGIEYRSLHTSQLTLSEKEALYDLLIEGFEGDFSHDDFAHTLGGMHVMAFDQQKLVGHVAIIQRHMALDNTPISVGYVE
AMVVEQSYRRQGIGRQLMLQTNKIIASCYQLGLLSASDDGQKLYHSVGWQIWKGKLFELKQGSYIRSIEEEGGVMGWKAD
GEVDFTASLYCDFRGGDQW
;
_entity_poly.pdbx_strand_id   A,B
#
# COMPACT_ATOMS: atom_id res chain seq x y z
CA GLY A 3 18.44 9.83 -22.37
C GLY A 3 17.35 10.10 -21.35
N ILE A 4 16.57 9.09 -21.03
CA ILE A 4 15.46 9.23 -20.08
C ILE A 4 15.96 8.84 -18.70
N GLU A 5 15.61 9.64 -17.69
CA GLU A 5 15.91 9.34 -16.29
C GLU A 5 14.71 8.73 -15.62
N TYR A 6 14.95 7.71 -14.79
CA TYR A 6 13.89 7.03 -14.07
C TYR A 6 14.09 7.20 -12.57
N ARG A 7 13.00 7.46 -11.86
CA ARG A 7 13.01 7.62 -10.41
C ARG A 7 11.85 6.83 -9.84
N SER A 8 12.10 6.13 -8.73
CA SER A 8 11.08 5.42 -7.97
C SER A 8 10.82 6.16 -6.68
N LEU A 9 9.60 6.66 -6.51
CA LEU A 9 9.24 7.54 -5.41
C LEU A 9 7.87 7.14 -4.86
N HIS A 10 7.76 7.02 -3.54
CA HIS A 10 6.47 6.82 -2.91
C HIS A 10 5.66 8.11 -2.99
N THR A 11 4.33 7.98 -2.96
CA THR A 11 3.50 9.18 -3.02
C THR A 11 3.94 10.21 -1.99
N SER A 12 4.34 9.75 -0.81
CA SER A 12 4.76 10.68 0.24
C SER A 12 6.05 11.40 -0.11
N GLN A 13 6.80 10.92 -1.08
CA GLN A 13 8.06 11.53 -1.49
C GLN A 13 7.92 12.44 -2.70
N LEU A 14 6.75 12.48 -3.32
CA LEU A 14 6.57 13.41 -4.43
C LEU A 14 6.53 14.84 -3.91
N THR A 15 7.19 15.75 -4.64
CA THR A 15 6.92 17.16 -4.42
C THR A 15 5.51 17.49 -4.92
N LEU A 16 4.98 18.62 -4.45
CA LEU A 16 3.69 19.05 -4.95
C LEU A 16 3.74 19.26 -6.46
N SER A 17 4.87 19.77 -6.95
CA SER A 17 5.03 20.01 -8.38
C SER A 17 4.89 18.70 -9.17
N GLU A 18 5.56 17.64 -8.71
CA GLU A 18 5.50 16.36 -9.40
C GLU A 18 4.09 15.79 -9.40
N LYS A 19 3.32 16.01 -8.33
CA LYS A 19 1.96 15.48 -8.28
C LYS A 19 1.07 16.11 -9.33
N GLU A 20 1.24 17.42 -9.56
CA GLU A 20 0.39 18.11 -10.52
C GLU A 20 0.79 17.77 -11.96
N ALA A 21 2.10 17.68 -12.22
CA ALA A 21 2.55 17.17 -13.52
C ALA A 21 1.97 15.79 -13.81
N LEU A 22 1.94 14.92 -12.79
CA LEU A 22 1.43 13.57 -12.97
C LEU A 22 -0.03 13.59 -13.39
N TYR A 23 -0.85 14.36 -12.67
CA TYR A 23 -2.27 14.48 -13.02
C TYR A 23 -2.43 14.93 -14.47
N ASP A 24 -1.73 16.00 -14.86
CA ASP A 24 -1.81 16.48 -16.24
C ASP A 24 -1.37 15.41 -17.22
N LEU A 25 -0.30 14.68 -16.89
CA LEU A 25 0.18 13.63 -17.78
C LEU A 25 -0.88 12.55 -17.97
N LEU A 26 -1.58 12.20 -16.90
CA LEU A 26 -2.56 11.12 -17.01
C LEU A 26 -3.75 11.55 -17.83
N ILE A 27 -4.27 12.77 -17.61
CA ILE A 27 -5.38 13.28 -18.41
C ILE A 27 -5.00 13.35 -19.88
N GLU A 28 -3.81 13.86 -20.18
CA GLU A 28 -3.39 13.99 -21.58
C GLU A 28 -3.14 12.61 -22.20
N GLY A 29 -2.45 11.73 -21.48
CA GLY A 29 -2.09 10.45 -22.06
C GLY A 29 -3.25 9.52 -22.28
N PHE A 30 -4.26 9.57 -21.40
CA PHE A 30 -5.45 8.75 -21.58
C PHE A 30 -6.50 9.44 -22.43
N GLU A 31 -6.14 10.57 -23.04
CA GLU A 31 -7.07 11.37 -23.85
C GLU A 31 -8.37 11.66 -23.08
N GLY A 32 -8.22 11.98 -21.79
CA GLY A 32 -9.35 12.34 -20.95
C GLY A 32 -10.08 11.18 -20.32
N ASP A 33 -9.84 9.95 -20.76
CA ASP A 33 -10.53 8.77 -20.22
C ASP A 33 -9.84 8.28 -18.94
N PHE A 34 -9.84 9.15 -17.95
CA PHE A 34 -9.16 8.89 -16.69
C PHE A 34 -9.88 9.71 -15.63
N SER A 35 -10.54 9.04 -14.68
CA SER A 35 -11.46 9.71 -13.77
C SER A 35 -10.74 10.18 -12.51
N HIS A 36 -11.47 10.97 -11.71
CA HIS A 36 -10.96 11.37 -10.40
C HIS A 36 -10.73 10.15 -9.51
N ASP A 37 -11.62 9.16 -9.58
CA ASP A 37 -11.37 7.92 -8.86
C ASP A 37 -10.09 7.24 -9.34
N ASP A 38 -9.85 7.23 -10.66
CA ASP A 38 -8.62 6.62 -11.17
C ASP A 38 -7.39 7.32 -10.61
N PHE A 39 -7.43 8.65 -10.53
CA PHE A 39 -6.30 9.35 -9.94
C PHE A 39 -6.15 9.01 -8.47
N ALA A 40 -7.26 8.84 -7.74
CA ALA A 40 -7.18 8.44 -6.34
C ALA A 40 -6.51 7.09 -6.20
N HIS A 41 -6.79 6.18 -7.13
CA HIS A 41 -6.18 4.84 -7.10
C HIS A 41 -4.69 4.89 -7.37
N THR A 42 -4.19 5.97 -7.96
CA THR A 42 -2.78 6.07 -8.30
C THR A 42 -1.95 6.57 -7.14
N LEU A 43 -2.58 7.06 -6.08
CA LEU A 43 -1.87 7.68 -4.96
C LEU A 43 -1.84 6.73 -3.77
N GLY A 44 -0.73 6.72 -3.06
CA GLY A 44 -0.59 5.93 -1.84
C GLY A 44 0.43 4.82 -1.93
N GLY A 45 1.02 4.59 -3.10
CA GLY A 45 2.03 3.56 -3.27
C GLY A 45 3.27 4.12 -3.92
N MET A 46 3.93 3.26 -4.70
CA MET A 46 5.16 3.64 -5.38
C MET A 46 4.85 4.13 -6.79
N HIS A 47 5.57 5.17 -7.21
CA HIS A 47 5.53 5.67 -8.57
C HIS A 47 6.89 5.40 -9.20
N VAL A 48 6.88 4.88 -10.43
CA VAL A 48 8.07 4.89 -11.28
C VAL A 48 7.82 5.96 -12.31
N MET A 49 8.69 6.97 -12.34
CA MET A 49 8.51 8.12 -13.21
C MET A 49 9.68 8.23 -14.17
N ALA A 50 9.38 8.63 -15.40
CA ALA A 50 10.37 8.81 -16.44
C ALA A 50 10.43 10.28 -16.79
N PHE A 51 11.63 10.84 -16.85
CA PHE A 51 11.84 12.26 -17.09
C PHE A 51 12.73 12.45 -18.31
N ASP A 52 12.35 13.36 -19.19
CA ASP A 52 13.23 13.89 -20.23
C ASP A 52 13.80 15.17 -19.66
N GLN A 53 15.06 15.12 -19.21
N GLN A 53 15.06 15.12 -19.21
CA GLN A 53 15.64 16.18 -18.39
CA GLN A 53 15.64 16.18 -18.41
C GLN A 53 14.74 16.42 -17.17
C GLN A 53 14.75 16.42 -17.18
N GLN A 54 14.07 17.56 -17.11
CA GLN A 54 13.22 17.87 -15.97
C GLN A 54 11.75 17.59 -16.21
N LYS A 55 11.35 17.22 -17.42
CA LYS A 55 9.93 17.05 -17.74
C LYS A 55 9.48 15.61 -17.52
N LEU A 56 8.36 15.45 -16.83
CA LEU A 56 7.79 14.13 -16.61
C LEU A 56 7.15 13.63 -17.90
N VAL A 57 7.59 12.46 -18.39
CA VAL A 57 7.07 11.92 -19.64
C VAL A 57 6.48 10.53 -19.50
N GLY A 58 6.71 9.83 -18.39
CA GLY A 58 6.13 8.53 -18.23
C GLY A 58 5.92 8.22 -16.76
N HIS A 59 4.97 7.33 -16.51
CA HIS A 59 4.59 7.03 -15.15
C HIS A 59 3.94 5.66 -15.09
N VAL A 60 4.23 4.94 -14.00
CA VAL A 60 3.39 3.84 -13.59
C VAL A 60 3.43 3.80 -12.06
N ALA A 61 2.31 3.40 -11.47
CA ALA A 61 2.22 3.30 -10.02
C ALA A 61 1.92 1.88 -9.59
N ILE A 62 2.39 1.53 -8.40
CA ILE A 62 2.22 0.20 -7.83
C ILE A 62 1.60 0.39 -6.46
N ILE A 63 0.37 -0.06 -6.30
CA ILE A 63 -0.42 0.10 -5.09
C ILE A 63 -0.46 -1.23 -4.35
N GLN A 64 -0.34 -1.19 -3.03
CA GLN A 64 -0.54 -2.42 -2.27
C GLN A 64 -2.02 -2.68 -2.11
N ARG A 65 -2.45 -3.88 -2.48
CA ARG A 65 -3.81 -4.32 -2.24
C ARG A 65 -3.77 -5.65 -1.50
N HIS A 66 -4.86 -5.93 -0.81
CA HIS A 66 -5.00 -7.10 0.03
C HIS A 66 -6.14 -7.91 -0.55
N MET A 67 -5.79 -9.03 -1.17
CA MET A 67 -6.79 -9.81 -1.89
C MET A 67 -6.82 -11.23 -1.36
N ALA A 68 -7.77 -12.02 -1.84
CA ALA A 68 -7.85 -13.43 -1.53
C ALA A 68 -7.64 -14.20 -2.81
N LEU A 69 -6.79 -15.23 -2.76
CA LEU A 69 -6.61 -16.22 -3.82
C LEU A 69 -7.30 -17.49 -3.33
N ASP A 70 -8.47 -17.78 -3.88
CA ASP A 70 -9.38 -18.79 -3.31
C ASP A 70 -9.62 -18.37 -1.86
N ASN A 71 -9.27 -19.18 -0.85
CA ASN A 71 -9.51 -18.77 0.52
C ASN A 71 -8.28 -18.16 1.19
N THR A 72 -7.19 -18.01 0.46
CA THR A 72 -5.90 -17.62 1.04
C THR A 72 -5.65 -16.14 0.83
N PRO A 73 -5.28 -15.40 1.88
CA PRO A 73 -4.94 -13.98 1.71
C PRO A 73 -3.66 -13.84 0.90
N ILE A 74 -3.61 -12.84 0.01
CA ILE A 74 -2.41 -12.61 -0.78
C ILE A 74 -2.14 -11.12 -0.82
N SER A 75 -0.87 -10.77 -0.70
CA SER A 75 -0.46 -9.39 -0.82
C SER A 75 -0.21 -9.08 -2.29
N VAL A 76 -0.85 -8.04 -2.81
CA VAL A 76 -0.83 -7.77 -4.25
C VAL A 76 -0.14 -6.43 -4.49
N GLY A 77 0.78 -6.40 -5.45
CA GLY A 77 1.22 -5.14 -6.02
C GLY A 77 0.35 -4.86 -7.22
N TYR A 78 -0.56 -3.91 -7.10
CA TYR A 78 -1.52 -3.62 -8.15
C TYR A 78 -1.01 -2.46 -8.99
N VAL A 79 -0.88 -2.69 -10.29
CA VAL A 79 -0.27 -1.73 -11.20
C VAL A 79 -1.37 -0.80 -11.72
N GLU A 80 -1.17 0.51 -11.52
CA GLU A 80 -2.15 1.53 -11.88
C GLU A 80 -1.51 2.61 -12.74
N ALA A 81 -2.32 3.18 -13.64
CA ALA A 81 -2.02 4.48 -14.27
C ALA A 81 -0.70 4.45 -15.03
N MET A 82 -0.53 3.43 -15.86
CA MET A 82 0.60 3.34 -16.76
C MET A 82 0.37 4.30 -17.92
N VAL A 83 1.29 5.23 -18.15
CA VAL A 83 1.13 6.24 -19.20
C VAL A 83 2.49 6.74 -19.63
N VAL A 84 2.61 7.00 -20.94
CA VAL A 84 3.76 7.66 -21.51
C VAL A 84 3.24 8.75 -22.42
N GLU A 85 3.82 9.95 -22.31
CA GLU A 85 3.39 11.06 -23.14
C GLU A 85 3.47 10.70 -24.62
N GLN A 86 2.43 11.08 -25.36
CA GLN A 86 2.20 10.57 -26.72
C GLN A 86 3.45 10.62 -27.59
N SER A 87 4.15 11.75 -27.62
CA SER A 87 5.26 11.84 -28.58
C SER A 87 6.47 11.02 -28.14
N TYR A 88 6.49 10.54 -26.92
CA TYR A 88 7.58 9.70 -26.42
C TYR A 88 7.27 8.21 -26.55
N ARG A 89 6.16 7.85 -27.17
CA ARG A 89 5.75 6.46 -27.19
C ARG A 89 6.55 5.69 -28.24
N ARG A 90 6.49 4.36 -28.11
CA ARG A 90 7.15 3.43 -29.04
C ARG A 90 8.66 3.63 -29.04
N GLN A 91 9.22 3.98 -27.87
CA GLN A 91 10.65 4.06 -27.71
C GLN A 91 11.15 3.17 -26.58
N GLY A 92 10.28 2.34 -26.02
CA GLY A 92 10.68 1.45 -24.94
C GLY A 92 10.61 2.03 -23.56
N ILE A 93 10.04 3.23 -23.40
CA ILE A 93 9.88 3.79 -22.07
C ILE A 93 8.91 2.94 -21.26
N GLY A 94 7.76 2.62 -21.84
CA GLY A 94 6.79 1.80 -21.14
C GLY A 94 7.36 0.48 -20.68
N ARG A 95 8.20 -0.13 -21.52
CA ARG A 95 8.83 -1.38 -21.12
C ARG A 95 9.74 -1.18 -19.91
N GLN A 96 10.57 -0.12 -19.93
CA GLN A 96 11.44 0.13 -18.78
C GLN A 96 10.63 0.41 -17.52
N LEU A 97 9.56 1.19 -17.63
CA LEU A 97 8.65 1.38 -16.50
C LEU A 97 8.17 0.04 -15.96
N MET A 98 7.84 -0.89 -16.85
CA MET A 98 7.35 -2.19 -16.37
C MET A 98 8.47 -3.03 -15.77
N LEU A 99 9.69 -2.96 -16.33
CA LEU A 99 10.80 -3.70 -15.73
C LEU A 99 11.06 -3.20 -14.30
N GLN A 100 10.99 -1.88 -14.08
CA GLN A 100 11.13 -1.37 -12.73
C GLN A 100 9.94 -1.75 -11.86
N THR A 101 8.75 -1.81 -12.46
CA THR A 101 7.57 -2.24 -11.73
C THR A 101 7.73 -3.67 -11.24
N ASN A 102 8.21 -4.55 -12.13
CA ASN A 102 8.43 -5.95 -11.75
C ASN A 102 9.40 -6.05 -10.59
N LYS A 103 10.46 -5.23 -10.59
CA LYS A 103 11.41 -5.24 -9.48
C LYS A 103 10.74 -4.87 -8.16
N ILE A 104 9.91 -3.83 -8.18
CA ILE A 104 9.21 -3.41 -6.96
C ILE A 104 8.27 -4.52 -6.49
N ILE A 105 7.51 -5.12 -7.41
CA ILE A 105 6.59 -6.17 -7.01
C ILE A 105 7.35 -7.34 -6.42
N ALA A 106 8.45 -7.74 -7.06
CA ALA A 106 9.22 -8.89 -6.58
C ALA A 106 9.79 -8.66 -5.18
N SER A 107 10.06 -7.42 -4.82
CA SER A 107 10.67 -7.14 -3.52
C SER A 107 9.64 -6.94 -2.40
N CYS A 108 8.36 -6.74 -2.73
CA CYS A 108 7.40 -6.34 -1.72
C CYS A 108 6.16 -7.22 -1.61
N TYR A 109 5.71 -7.81 -2.72
CA TYR A 109 4.36 -8.37 -2.75
C TYR A 109 4.41 -9.80 -3.22
N GLN A 110 3.31 -10.52 -2.97
CA GLN A 110 3.31 -11.92 -3.38
C GLN A 110 2.91 -12.09 -4.83
N LEU A 111 2.18 -11.12 -5.39
CA LEU A 111 1.63 -11.26 -6.72
C LEU A 111 1.47 -9.88 -7.35
N GLY A 112 1.81 -9.76 -8.63
CA GLY A 112 1.47 -8.56 -9.40
C GLY A 112 0.14 -8.76 -10.13
N LEU A 113 -0.67 -7.69 -10.17
CA LEU A 113 -1.91 -7.73 -10.92
C LEU A 113 -2.16 -6.37 -11.57
N LEU A 114 -2.92 -6.38 -12.66
CA LEU A 114 -3.25 -5.15 -13.36
C LEU A 114 -4.45 -5.43 -14.26
N SER A 115 -5.05 -4.34 -14.74
CA SER A 115 -6.14 -4.42 -15.71
C SER A 115 -5.68 -3.72 -16.99
N ALA A 116 -5.60 -4.49 -18.08
CA ALA A 116 -4.93 -4.01 -19.29
C ALA A 116 -5.91 -3.23 -20.17
N SER A 117 -5.57 -3.05 -21.44
CA SER A 117 -6.47 -2.42 -22.40
C SER A 117 -6.85 -3.43 -23.49
N ASP A 119 -5.32 -4.46 -26.05
CA ASP A 119 -4.80 -3.21 -26.61
C ASP A 119 -3.47 -2.84 -25.96
N GLY A 120 -3.33 -3.15 -24.67
CA GLY A 120 -2.10 -2.90 -23.96
C GLY A 120 -1.46 -4.19 -23.49
N GLN A 121 -2.08 -5.32 -23.82
CA GLN A 121 -1.64 -6.58 -23.26
C GLN A 121 -0.28 -6.99 -23.76
N LYS A 122 0.05 -6.67 -25.02
CA LYS A 122 1.27 -7.21 -25.60
C LYS A 122 2.50 -6.68 -24.86
N LEU A 123 2.47 -5.43 -24.44
CA LEU A 123 3.59 -4.89 -23.65
C LEU A 123 3.77 -5.68 -22.36
N TYR A 124 2.69 -5.88 -21.60
CA TYR A 124 2.80 -6.60 -20.34
C TYR A 124 3.24 -8.04 -20.57
N HIS A 125 2.72 -8.67 -21.62
CA HIS A 125 3.12 -10.04 -21.91
C HIS A 125 4.60 -10.11 -22.25
N SER A 126 5.16 -9.04 -22.81
CA SER A 126 6.56 -9.03 -23.19
C SER A 126 7.49 -8.95 -21.99
N VAL A 127 6.97 -8.59 -20.82
CA VAL A 127 7.77 -8.57 -19.61
C VAL A 127 7.23 -9.59 -18.61
N GLY A 128 6.57 -10.63 -19.14
CA GLY A 128 6.30 -11.82 -18.35
C GLY A 128 4.92 -11.93 -17.72
N TRP A 129 4.06 -10.94 -17.90
CA TRP A 129 2.70 -10.98 -17.36
C TRP A 129 1.81 -11.87 -18.20
N GLN A 130 0.80 -12.46 -17.56
CA GLN A 130 -0.07 -13.42 -18.22
C GLN A 130 -1.53 -13.14 -17.87
N ILE A 131 -2.42 -13.44 -18.81
CA ILE A 131 -3.85 -13.22 -18.55
C ILE A 131 -4.27 -14.08 -17.36
N TRP A 132 -5.02 -13.49 -16.43
CA TRP A 132 -5.56 -14.29 -15.34
C TRP A 132 -6.70 -15.14 -15.88
N LYS A 133 -6.66 -16.45 -15.62
CA LYS A 133 -7.65 -17.35 -16.21
C LYS A 133 -8.78 -17.73 -15.26
N GLY A 134 -8.62 -17.48 -13.96
CA GLY A 134 -9.65 -17.84 -13.01
C GLY A 134 -10.72 -16.77 -12.89
N LYS A 135 -11.70 -17.06 -12.05
CA LYS A 135 -12.78 -16.13 -11.81
C LYS A 135 -12.30 -14.92 -11.01
N LEU A 136 -12.93 -13.78 -11.26
CA LEU A 136 -12.64 -12.52 -10.61
C LEU A 136 -13.90 -12.07 -9.86
N PHE A 137 -13.70 -11.56 -8.65
CA PHE A 137 -14.80 -11.18 -7.77
C PHE A 137 -14.52 -9.79 -7.22
N GLU A 138 -15.58 -9.00 -7.07
CA GLU A 138 -15.47 -7.68 -6.47
C GLU A 138 -16.66 -7.47 -5.54
N LEU A 139 -16.51 -6.54 -4.61
CA LEU A 139 -17.60 -6.20 -3.70
C LEU A 139 -18.51 -5.18 -4.37
N LYS A 140 -19.80 -5.52 -4.49
CA LYS A 140 -20.81 -4.59 -4.97
C LYS A 140 -22.00 -4.63 -4.03
N GLN A 141 -22.34 -3.47 -3.45
CA GLN A 141 -23.46 -3.31 -2.52
C GLN A 141 -23.38 -4.29 -1.35
N GLY A 142 -22.16 -4.63 -0.91
CA GLY A 142 -21.95 -5.36 0.33
C GLY A 142 -21.30 -6.72 0.16
N SER A 143 -21.66 -7.47 -0.88
CA SER A 143 -21.18 -8.84 -1.04
C SER A 143 -20.47 -9.02 -2.38
N TYR A 144 -19.62 -10.06 -2.43
CA TYR A 144 -18.85 -10.35 -3.63
C TYR A 144 -19.76 -10.80 -4.76
N ILE A 145 -19.58 -10.21 -5.94
CA ILE A 145 -20.17 -10.67 -7.19
C ILE A 145 -19.03 -10.96 -8.15
N ARG A 146 -19.34 -11.67 -9.22
CA ARG A 146 -18.36 -11.89 -10.27
C ARG A 146 -18.06 -10.58 -11.01
N SER A 147 -16.78 -10.33 -11.29
CA SER A 147 -16.39 -9.22 -12.18
C SER A 147 -16.26 -9.74 -13.61
N ILE A 148 -17.42 -10.10 -14.19
CA ILE A 148 -17.45 -10.70 -15.52
C ILE A 148 -16.73 -9.81 -16.54
N GLU A 149 -17.02 -8.50 -16.52
CA GLU A 149 -16.46 -7.63 -17.54
C GLU A 149 -14.94 -7.67 -17.57
N GLU A 150 -14.32 -7.84 -16.41
CA GLU A 150 -12.86 -7.80 -16.30
C GLU A 150 -12.20 -9.13 -16.64
N GLU A 151 -12.93 -10.23 -16.66
CA GLU A 151 -12.32 -11.53 -16.86
C GLU A 151 -11.80 -11.64 -18.30
N GLY A 152 -10.50 -11.91 -18.45
CA GLY A 152 -9.82 -11.80 -19.71
C GLY A 152 -8.98 -10.55 -19.84
N GLY A 153 -9.27 -9.54 -19.03
CA GLY A 153 -8.53 -8.29 -19.07
C GLY A 153 -7.51 -8.14 -17.97
N VAL A 154 -7.71 -8.82 -16.84
CA VAL A 154 -6.75 -8.72 -15.76
C VAL A 154 -5.56 -9.63 -16.05
N MET A 155 -4.37 -9.14 -15.78
CA MET A 155 -3.13 -9.87 -15.99
C MET A 155 -2.38 -9.96 -14.67
N GLY A 156 -1.60 -11.04 -14.51
CA GLY A 156 -0.88 -11.28 -13.28
C GLY A 156 0.58 -11.59 -13.55
N TRP A 157 1.39 -11.43 -12.51
CA TRP A 157 2.82 -11.70 -12.66
C TRP A 157 3.38 -12.17 -11.33
N LYS A 158 4.16 -13.24 -11.36
CA LYS A 158 4.89 -13.70 -10.19
C LYS A 158 6.35 -13.90 -10.58
N ALA A 159 7.25 -13.44 -9.72
CA ALA A 159 8.68 -13.69 -9.90
C ALA A 159 8.95 -15.19 -9.93
N ASP A 160 8.62 -15.87 -8.82
CA ASP A 160 8.79 -17.33 -8.74
C ASP A 160 7.95 -18.07 -9.77
N GLY A 161 6.83 -17.49 -10.20
CA GLY A 161 5.88 -18.20 -11.05
C GLY A 161 5.06 -19.24 -10.34
N GLU A 162 5.16 -19.33 -9.01
CA GLU A 162 4.48 -20.37 -8.23
C GLU A 162 3.13 -19.85 -7.73
N VAL A 163 2.22 -19.67 -8.68
CA VAL A 163 0.86 -19.21 -8.38
C VAL A 163 -0.07 -19.80 -9.43
N ASP A 164 -1.26 -20.21 -9.00
CA ASP A 164 -2.23 -20.85 -9.87
C ASP A 164 -3.05 -19.74 -10.54
N PHE A 165 -2.78 -19.50 -11.82
CA PHE A 165 -3.51 -18.48 -12.57
C PHE A 165 -4.94 -18.88 -12.88
N THR A 166 -5.37 -20.09 -12.51
CA THR A 166 -6.75 -20.51 -12.70
C THR A 166 -7.58 -20.35 -11.42
N ALA A 167 -6.96 -19.93 -10.33
CA ALA A 167 -7.63 -19.74 -9.06
C ALA A 167 -8.47 -18.46 -9.08
N SER A 168 -9.44 -18.40 -8.16
CA SER A 168 -10.29 -17.23 -8.04
C SER A 168 -9.57 -16.11 -7.32
N LEU A 169 -9.80 -14.87 -7.75
CA LEU A 169 -9.28 -13.69 -7.08
C LEU A 169 -10.43 -12.85 -6.55
N TYR A 170 -10.34 -12.46 -5.28
CA TYR A 170 -11.28 -11.59 -4.61
C TYR A 170 -10.56 -10.29 -4.27
N CYS A 171 -10.95 -9.19 -4.91
CA CYS A 171 -10.18 -7.97 -4.68
C CYS A 171 -10.80 -7.19 -3.52
N ASP A 172 -10.04 -6.24 -2.98
CA ASP A 172 -10.52 -5.45 -1.87
C ASP A 172 -11.35 -4.26 -2.36
N PHE A 173 -12.07 -3.65 -1.41
CA PHE A 173 -13.09 -2.65 -1.69
C PHE A 173 -12.44 -1.28 -1.91
N ARG A 174 -12.90 -0.57 -2.94
CA ARG A 174 -12.43 0.80 -3.16
C ARG A 174 -13.50 1.57 -3.93
N GLY A 175 -13.22 2.84 -4.20
CA GLY A 175 -14.13 3.63 -5.00
C GLY A 175 -13.95 3.37 -6.48
N GLY A 176 -14.94 3.79 -7.26
CA GLY A 176 -14.83 3.68 -8.70
C GLY A 176 -14.68 2.25 -9.17
N ASP A 177 -13.84 2.05 -10.20
CA ASP A 177 -13.62 0.72 -10.75
C ASP A 177 -12.82 -0.11 -9.76
N GLN A 178 -13.32 -1.29 -9.43
CA GLN A 178 -12.64 -2.15 -8.46
C GLN A 178 -11.34 -2.71 -9.02
N TRP A 179 -11.28 -2.97 -10.31
CA TRP A 179 -10.06 -3.45 -10.95
C TRP A 179 -9.40 -2.33 -11.77
CA GLY B 3 21.49 13.08 17.76
C GLY B 3 20.99 11.82 17.05
N ILE B 4 19.68 11.69 16.92
CA ILE B 4 19.06 10.56 16.23
C ILE B 4 18.67 11.02 14.83
N GLU B 5 19.08 10.26 13.82
CA GLU B 5 18.76 10.56 12.43
C GLU B 5 17.56 9.73 11.99
N TYR B 6 16.66 10.35 11.22
CA TYR B 6 15.41 9.72 10.80
C TYR B 6 15.38 9.63 9.28
N ARG B 7 14.97 8.46 8.76
CA ARG B 7 14.95 8.17 7.34
C ARG B 7 13.64 7.48 7.01
N SER B 8 13.01 7.89 5.92
CA SER B 8 11.76 7.29 5.43
C SER B 8 12.05 6.52 4.15
N LEU B 9 11.86 5.20 4.19
CA LEU B 9 12.14 4.35 3.05
C LEU B 9 10.96 3.44 2.79
N HIS B 10 10.64 3.25 1.51
CA HIS B 10 9.70 2.22 1.14
C HIS B 10 10.37 0.86 1.30
N THR B 11 9.55 -0.17 1.49
CA THR B 11 10.10 -1.52 1.60
C THR B 11 11.00 -1.85 0.43
N SER B 12 10.63 -1.41 -0.79
CA SER B 12 11.42 -1.74 -1.96
C SER B 12 12.78 -1.05 -1.97
N GLN B 13 12.96 -0.05 -1.11
CA GLN B 13 14.20 0.70 -0.97
C GLN B 13 15.13 0.12 0.10
N LEU B 14 14.75 -1.00 0.72
CA LEU B 14 15.54 -1.62 1.78
C LEU B 14 16.34 -2.82 1.29
N THR B 15 17.59 -2.94 1.77
CA THR B 15 18.36 -4.15 1.51
C THR B 15 17.92 -5.30 2.41
N LEU B 16 18.48 -6.48 2.13
CA LEU B 16 18.19 -7.65 2.96
C LEU B 16 18.68 -7.44 4.38
N SER B 17 19.87 -6.86 4.54
CA SER B 17 20.42 -6.65 5.87
C SER B 17 19.57 -5.67 6.68
N GLU B 18 19.04 -4.63 6.02
CA GLU B 18 18.22 -3.64 6.72
C GLU B 18 16.87 -4.24 7.11
N LYS B 19 16.32 -5.09 6.25
CA LYS B 19 15.12 -5.84 6.61
C LYS B 19 15.42 -6.79 7.77
N GLU B 20 16.58 -7.45 7.75
CA GLU B 20 16.94 -8.33 8.87
C GLU B 20 17.17 -7.53 10.15
N ALA B 21 17.81 -6.36 10.05
CA ALA B 21 17.99 -5.53 11.24
C ALA B 21 16.64 -5.09 11.79
N LEU B 22 15.68 -4.86 10.91
CA LEU B 22 14.34 -4.49 11.35
C LEU B 22 13.66 -5.64 12.07
N TYR B 23 13.72 -6.85 11.51
CA TYR B 23 13.17 -8.01 12.18
C TYR B 23 13.77 -8.18 13.57
N ASP B 24 15.10 -8.10 13.67
CA ASP B 24 15.76 -8.28 14.96
C ASP B 24 15.30 -7.23 15.95
N LEU B 25 15.17 -5.97 15.50
CA LEU B 25 14.69 -4.91 16.37
C LEU B 25 13.27 -5.19 16.87
N LEU B 26 12.40 -5.67 15.97
CA LEU B 26 11.03 -5.98 16.36
C LEU B 26 10.99 -7.13 17.37
N ILE B 27 11.72 -8.22 17.10
CA ILE B 27 11.74 -9.37 18.02
C ILE B 27 12.23 -8.94 19.41
N GLU B 28 13.34 -8.21 19.45
CA GLU B 28 13.86 -7.73 20.73
C GLU B 28 12.89 -6.75 21.39
N GLY B 29 12.38 -5.79 20.63
CA GLY B 29 11.56 -4.74 21.24
C GLY B 29 10.22 -5.21 21.75
N PHE B 30 9.61 -6.20 21.09
CA PHE B 30 8.37 -6.81 21.55
C PHE B 30 8.61 -8.01 22.47
N GLU B 31 9.85 -8.27 22.86
CA GLU B 31 10.24 -9.40 23.70
C GLU B 31 9.67 -10.72 23.17
N GLY B 32 9.85 -10.94 21.87
CA GLY B 32 9.44 -12.17 21.23
C GLY B 32 7.97 -12.25 20.87
N ASP B 33 7.15 -11.31 21.34
CA ASP B 33 5.71 -11.31 21.08
C ASP B 33 5.43 -10.57 19.76
N PHE B 34 5.94 -11.14 18.69
CA PHE B 34 5.83 -10.55 17.35
C PHE B 34 5.99 -11.70 16.36
N SER B 35 4.97 -11.95 15.55
CA SER B 35 4.97 -13.18 14.76
C SER B 35 5.56 -12.99 13.37
N HIS B 36 5.74 -14.09 12.66
CA HIS B 36 6.11 -14.01 11.26
C HIS B 36 5.04 -13.29 10.43
N ASP B 37 3.76 -13.49 10.79
CA ASP B 37 2.69 -12.74 10.14
C ASP B 37 2.77 -11.25 10.42
N ASP B 38 3.06 -10.89 11.67
CA ASP B 38 3.26 -9.47 12.01
C ASP B 38 4.36 -8.88 11.14
N PHE B 39 5.42 -9.63 10.89
CA PHE B 39 6.48 -9.08 10.06
C PHE B 39 5.99 -8.91 8.62
N ALA B 40 5.19 -9.85 8.11
CA ALA B 40 4.67 -9.70 6.76
C ALA B 40 3.81 -8.45 6.66
N HIS B 41 3.06 -8.16 7.71
CA HIS B 41 2.24 -6.95 7.73
C HIS B 41 3.09 -5.69 7.68
N THR B 42 4.32 -5.78 8.17
CA THR B 42 5.22 -4.63 8.20
C THR B 42 5.79 -4.28 6.84
N LEU B 43 5.72 -5.20 5.87
CA LEU B 43 6.39 -5.03 4.59
C LEU B 43 5.40 -4.65 3.50
N GLY B 44 5.85 -3.79 2.58
CA GLY B 44 5.05 -3.38 1.44
C GLY B 44 4.68 -1.91 1.43
N GLY B 45 4.97 -1.15 2.49
CA GLY B 45 4.62 0.24 2.58
C GLY B 45 5.83 1.08 2.97
N MET B 46 5.57 2.16 3.69
CA MET B 46 6.62 3.10 4.09
C MET B 46 7.13 2.71 5.46
N HIS B 47 8.44 2.90 5.66
CA HIS B 47 9.10 2.70 6.93
C HIS B 47 9.68 4.03 7.36
N VAL B 48 9.46 4.41 8.62
CA VAL B 48 10.15 5.53 9.23
C VAL B 48 11.12 4.92 10.22
N MET B 49 12.40 5.23 10.07
CA MET B 49 13.43 4.55 10.83
C MET B 49 14.35 5.56 11.49
N ALA B 50 14.69 5.26 12.73
CA ALA B 50 15.55 6.11 13.55
C ALA B 50 16.89 5.41 13.74
N PHE B 51 17.98 6.16 13.63
CA PHE B 51 19.33 5.61 13.68
C PHE B 51 20.18 6.37 14.68
N ASP B 52 20.88 5.63 15.54
CA ASP B 52 21.98 6.16 16.33
C ASP B 52 23.24 5.75 15.57
N GLN B 53 23.82 6.72 14.87
CA GLN B 53 24.95 6.46 13.97
C GLN B 53 24.45 5.52 12.88
N GLN B 54 25.04 4.35 12.69
CA GLN B 54 24.55 3.40 11.71
C GLN B 54 23.57 2.40 12.30
N LYS B 55 23.23 2.55 13.58
CA LYS B 55 22.51 1.54 14.35
C LYS B 55 21.01 1.85 14.37
N LEU B 56 20.23 1.01 13.70
CA LEU B 56 18.76 1.13 13.76
C LEU B 56 18.27 1.02 15.20
N VAL B 57 17.57 2.05 15.68
CA VAL B 57 17.07 1.98 17.07
C VAL B 57 15.57 2.20 17.18
N GLY B 58 14.91 2.58 16.08
CA GLY B 58 13.48 2.79 16.12
C GLY B 58 12.87 2.61 14.76
N HIS B 59 11.58 2.26 14.74
CA HIS B 59 10.91 2.00 13.48
C HIS B 59 9.39 2.09 13.65
N VAL B 60 8.72 2.57 12.61
CA VAL B 60 7.30 2.36 12.42
C VAL B 60 7.05 2.21 10.92
N ALA B 61 6.05 1.41 10.57
CA ALA B 61 5.64 1.24 9.18
C ALA B 61 4.22 1.79 8.97
N ILE B 62 3.96 2.24 7.75
CA ILE B 62 2.64 2.70 7.34
C ILE B 62 2.25 1.90 6.10
N ILE B 63 1.21 1.09 6.22
CA ILE B 63 0.76 0.20 5.15
C ILE B 63 -0.53 0.75 4.59
N GLN B 64 -0.70 0.69 3.27
CA GLN B 64 -1.97 1.06 2.70
C GLN B 64 -2.95 -0.09 2.88
N ARG B 65 -4.14 0.23 3.40
CA ARG B 65 -5.22 -0.75 3.47
C ARG B 65 -6.49 -0.13 2.91
N HIS B 66 -7.37 -0.99 2.43
CA HIS B 66 -8.61 -0.58 1.77
C HIS B 66 -9.73 -1.08 2.63
N MET B 67 -10.38 -0.16 3.31
CA MET B 67 -11.43 -0.52 4.24
C MET B 67 -12.74 0.10 3.78
N ALA B 68 -13.78 -0.20 4.55
CA ALA B 68 -15.08 0.43 4.40
C ALA B 68 -15.41 1.14 5.70
N LEU B 69 -15.82 2.39 5.59
CA LEU B 69 -16.37 3.15 6.71
C LEU B 69 -17.89 3.08 6.55
N ASP B 70 -18.57 2.36 7.45
CA ASP B 70 -19.95 1.99 7.17
C ASP B 70 -20.01 1.36 5.78
N ASN B 71 -20.71 2.01 4.84
CA ASN B 71 -20.85 1.50 3.49
C ASN B 71 -19.84 2.06 2.51
N THR B 72 -19.04 3.05 2.93
CA THR B 72 -18.23 3.83 1.99
C THR B 72 -16.78 3.34 2.00
N PRO B 73 -16.08 3.35 0.86
CA PRO B 73 -14.68 2.91 0.85
C PRO B 73 -13.79 4.00 1.41
N ILE B 74 -12.78 3.59 2.18
CA ILE B 74 -11.86 4.57 2.75
C ILE B 74 -10.44 4.04 2.62
N SER B 75 -9.55 4.90 2.11
CA SER B 75 -8.14 4.56 1.95
C SER B 75 -7.43 4.82 3.27
N VAL B 76 -6.72 3.83 3.77
CA VAL B 76 -6.23 3.85 5.15
C VAL B 76 -4.72 3.71 5.13
N GLY B 77 -4.04 4.61 5.84
CA GLY B 77 -2.65 4.36 6.17
C GLY B 77 -2.62 3.63 7.49
N TYR B 78 -2.32 2.33 7.46
CA TYR B 78 -2.40 1.49 8.65
C TYR B 78 -1.02 1.38 9.28
N VAL B 79 -0.93 1.70 10.57
CA VAL B 79 0.36 1.79 11.25
C VAL B 79 0.72 0.45 11.88
N GLU B 80 1.91 -0.04 11.57
CA GLU B 80 2.37 -1.36 12.01
C GLU B 80 3.75 -1.22 12.65
N ALA B 81 4.03 -2.11 13.60
CA ALA B 81 5.40 -2.42 14.01
C ALA B 81 6.10 -1.20 14.59
N MET B 82 5.42 -0.48 15.46
CA MET B 82 6.03 0.64 16.16
C MET B 82 6.95 0.10 17.27
N VAL B 83 8.23 0.43 17.21
CA VAL B 83 9.17 -0.14 18.16
C VAL B 83 10.34 0.83 18.35
N VAL B 84 10.77 0.98 19.60
CA VAL B 84 12.02 1.65 19.94
C VAL B 84 12.83 0.71 20.81
N GLU B 85 14.14 0.65 20.56
CA GLU B 85 14.99 -0.24 21.33
C GLU B 85 14.94 0.12 22.81
N GLN B 86 14.99 -0.90 23.66
CA GLN B 86 14.61 -0.75 25.07
C GLN B 86 15.38 0.37 25.75
N SER B 87 16.70 0.43 25.54
CA SER B 87 17.53 1.42 26.22
C SER B 87 17.39 2.82 25.64
N TYR B 88 16.60 2.99 24.58
CA TYR B 88 16.41 4.29 23.95
C TYR B 88 15.02 4.89 24.23
N ARG B 89 14.21 4.22 25.04
CA ARG B 89 12.82 4.62 25.26
C ARG B 89 12.75 5.79 26.23
N ARG B 90 11.55 6.40 26.28
CA ARG B 90 11.27 7.56 27.13
C ARG B 90 12.20 8.72 26.82
N GLN B 91 12.49 8.92 25.54
CA GLN B 91 13.35 10.01 25.10
C GLN B 91 12.79 10.82 23.93
N GLY B 92 11.60 10.49 23.44
CA GLY B 92 11.00 11.25 22.37
C GLY B 92 11.13 10.64 20.97
N ILE B 93 11.81 9.50 20.82
CA ILE B 93 11.97 8.90 19.49
C ILE B 93 10.62 8.42 18.96
N GLY B 94 9.88 7.68 19.78
CA GLY B 94 8.56 7.23 19.36
C GLY B 94 7.67 8.39 18.94
N ARG B 95 7.72 9.49 19.69
CA ARG B 95 6.96 10.66 19.30
C ARG B 95 7.40 11.17 17.92
N GLN B 96 8.71 11.28 17.70
CA GLN B 96 9.17 11.75 16.39
C GLN B 96 8.78 10.78 15.28
N LEU B 97 8.79 9.48 15.57
CA LEU B 97 8.36 8.52 14.56
C LEU B 97 6.89 8.70 14.22
N MET B 98 6.06 8.97 15.22
CA MET B 98 4.65 9.26 14.96
C MET B 98 4.45 10.59 14.24
N LEU B 99 5.30 11.58 14.49
CA LEU B 99 5.15 12.84 13.77
C LEU B 99 5.42 12.65 12.29
N GLN B 100 6.46 11.87 11.96
CA GLN B 100 6.71 11.55 10.56
C GLN B 100 5.60 10.68 10.00
N THR B 101 5.05 9.79 10.81
CA THR B 101 3.96 8.93 10.37
C THR B 101 2.75 9.78 9.97
N ASN B 102 2.38 10.74 10.82
CA ASN B 102 1.24 11.61 10.53
C ASN B 102 1.42 12.34 9.20
N LYS B 103 2.64 12.80 8.92
CA LYS B 103 2.88 13.52 7.66
C LYS B 103 2.70 12.62 6.45
N ILE B 104 3.16 11.38 6.53
CA ILE B 104 2.98 10.44 5.44
C ILE B 104 1.50 10.16 5.25
N ILE B 105 0.78 9.91 6.35
CA ILE B 105 -0.64 9.63 6.24
C ILE B 105 -1.36 10.82 5.62
N ALA B 106 -1.01 12.02 6.08
CA ALA B 106 -1.71 13.22 5.62
C ALA B 106 -1.52 13.44 4.14
N SER B 107 -0.40 12.97 3.59
CA SER B 107 -0.15 13.19 2.17
C SER B 107 -0.68 12.08 1.28
N CYS B 108 -1.09 10.94 1.83
CA CYS B 108 -1.40 9.78 0.98
C CYS B 108 -2.78 9.16 1.20
N TYR B 109 -3.38 9.30 2.38
CA TYR B 109 -4.52 8.47 2.76
C TYR B 109 -5.59 9.34 3.37
N GLN B 110 -6.81 8.80 3.44
CA GLN B 110 -7.93 9.51 4.03
C GLN B 110 -7.99 9.35 5.54
N LEU B 111 -7.37 8.32 6.09
CA LEU B 111 -7.50 8.00 7.49
C LEU B 111 -6.29 7.20 7.93
N GLY B 112 -5.77 7.50 9.11
CA GLY B 112 -4.75 6.66 9.73
C GLY B 112 -5.40 5.81 10.80
N LEU B 113 -5.00 4.53 10.86
CA LEU B 113 -5.49 3.60 11.86
C LEU B 113 -4.33 2.79 12.41
N LEU B 114 -4.49 2.32 13.65
CA LEU B 114 -3.53 1.43 14.29
C LEU B 114 -4.23 0.70 15.43
N SER B 115 -3.62 -0.40 15.86
CA SER B 115 -4.07 -1.13 17.04
C SER B 115 -3.01 -0.98 18.13
N ALA B 116 -3.39 -0.41 19.26
CA ALA B 116 -2.42 -0.06 20.29
C ALA B 116 -2.15 -1.28 21.19
N SER B 117 -1.46 -1.04 22.31
CA SER B 117 -1.09 -2.12 23.22
C SER B 117 -0.72 -1.60 24.61
N GLY B 120 0.25 1.00 26.22
CA GLY B 120 -0.24 2.34 26.44
C GLY B 120 -0.60 3.07 25.16
N GLN B 121 -1.69 3.83 25.22
CA GLN B 121 -2.13 4.66 24.11
C GLN B 121 -1.74 6.12 24.26
N LYS B 122 -1.07 6.48 25.35
CA LYS B 122 -0.81 7.88 25.65
C LYS B 122 0.05 8.53 24.57
N LEU B 123 1.03 7.81 24.05
CA LEU B 123 1.90 8.37 23.02
C LEU B 123 1.08 8.79 21.80
N TYR B 124 0.25 7.88 21.28
CA TYR B 124 -0.56 8.20 20.12
C TYR B 124 -1.49 9.37 20.42
N HIS B 125 -2.09 9.40 21.61
CA HIS B 125 -2.97 10.52 21.93
C HIS B 125 -2.21 11.83 21.96
N SER B 126 -0.95 11.81 22.40
CA SER B 126 -0.13 13.01 22.41
C SER B 126 0.12 13.57 21.02
N VAL B 127 -0.12 12.79 19.97
CA VAL B 127 0.10 13.27 18.61
C VAL B 127 -1.19 13.29 17.79
N GLY B 128 -2.35 13.41 18.46
CA GLY B 128 -3.60 13.65 17.77
C GLY B 128 -4.46 12.43 17.52
N TRP B 129 -4.01 11.24 17.87
CA TRP B 129 -4.79 10.04 17.59
C TRP B 129 -5.88 9.88 18.63
N GLN B 130 -7.00 9.28 18.20
CA GLN B 130 -8.20 9.15 19.01
C GLN B 130 -8.69 7.72 18.96
N ILE B 131 -9.26 7.24 20.07
CA ILE B 131 -9.80 5.89 20.10
C ILE B 131 -10.99 5.79 19.14
N TRP B 132 -11.03 4.72 18.35
CA TRP B 132 -12.15 4.50 17.45
C TRP B 132 -13.39 4.09 18.24
N LYS B 133 -14.50 4.79 18.01
CA LYS B 133 -15.71 4.57 18.80
C LYS B 133 -16.70 3.63 18.14
N GLY B 134 -16.68 3.49 16.84
CA GLY B 134 -17.62 2.63 16.19
C GLY B 134 -17.24 1.16 16.29
N LYS B 135 -18.19 0.31 15.91
CA LYS B 135 -17.91 -1.12 15.86
C LYS B 135 -16.82 -1.44 14.85
N LEU B 136 -16.03 -2.45 15.16
CA LEU B 136 -14.97 -2.93 14.28
C LEU B 136 -15.32 -4.34 13.85
N PHE B 137 -15.14 -4.59 12.55
CA PHE B 137 -15.39 -5.91 11.98
C PHE B 137 -14.12 -6.37 11.27
N GLU B 138 -13.86 -7.68 11.39
CA GLU B 138 -12.78 -8.36 10.68
C GLU B 138 -13.35 -9.61 10.03
N LEU B 139 -12.63 -10.15 9.06
CA LEU B 139 -13.04 -11.40 8.43
C LEU B 139 -12.54 -12.59 9.25
N LYS B 140 -13.41 -13.58 9.41
CA LYS B 140 -13.02 -14.88 9.96
C LYS B 140 -13.89 -15.91 9.26
N GLN B 141 -13.26 -16.85 8.56
CA GLN B 141 -13.98 -17.86 7.78
C GLN B 141 -14.82 -17.25 6.67
N GLY B 142 -14.40 -16.10 6.14
CA GLY B 142 -15.10 -15.49 5.03
C GLY B 142 -16.29 -14.62 5.38
N SER B 143 -16.72 -14.59 6.64
CA SER B 143 -17.81 -13.72 7.09
C SER B 143 -17.29 -12.70 8.10
N TYR B 144 -17.84 -11.49 8.06
CA TYR B 144 -17.40 -10.44 8.97
C TYR B 144 -17.90 -10.72 10.39
N ILE B 145 -17.06 -10.41 11.37
CA ILE B 145 -17.39 -10.63 12.77
C ILE B 145 -16.93 -9.44 13.61
N ARG B 146 -17.65 -9.21 14.70
CA ARG B 146 -17.25 -8.18 15.65
C ARG B 146 -15.84 -8.41 16.18
N SER B 147 -14.94 -7.49 15.87
CA SER B 147 -13.62 -7.54 16.48
C SER B 147 -13.73 -7.06 17.93
N ILE B 148 -14.48 -7.82 18.74
CA ILE B 148 -14.83 -7.40 20.10
C ILE B 148 -13.58 -7.12 20.93
N GLU B 149 -12.57 -7.97 20.78
CA GLU B 149 -11.35 -7.77 21.55
C GLU B 149 -10.66 -6.47 21.16
N GLU B 150 -10.75 -6.08 19.88
N GLU B 150 -10.74 -6.07 19.88
CA GLU B 150 -10.03 -4.92 19.38
CA GLU B 150 -10.00 -4.89 19.45
C GLU B 150 -10.71 -3.62 19.75
C GLU B 150 -10.72 -3.58 19.72
N GLU B 151 -12.04 -3.61 19.86
CA GLU B 151 -12.80 -2.38 20.08
C GLU B 151 -12.33 -1.71 21.36
N GLY B 152 -11.98 -0.43 21.25
CA GLY B 152 -11.28 0.26 22.30
C GLY B 152 -9.77 0.21 22.19
N GLY B 153 -9.22 -0.69 21.36
CA GLY B 153 -7.79 -0.74 21.13
C GLY B 153 -7.36 -0.06 19.85
N VAL B 154 -8.25 0.03 18.87
CA VAL B 154 -7.94 0.68 17.59
C VAL B 154 -8.08 2.19 17.75
N MET B 155 -7.10 2.92 17.23
CA MET B 155 -7.07 4.37 17.29
C MET B 155 -6.97 4.92 15.86
N GLY B 156 -7.55 6.11 15.66
CA GLY B 156 -7.56 6.68 14.34
C GLY B 156 -6.98 8.08 14.33
N TRP B 157 -6.58 8.55 13.15
CA TRP B 157 -6.10 9.92 13.00
C TRP B 157 -6.62 10.45 11.69
N LYS B 158 -7.26 11.62 11.76
CA LYS B 158 -8.29 12.04 10.84
C LYS B 158 -7.76 12.55 9.50
N ALA B 159 -6.45 12.75 9.37
CA ALA B 159 -5.87 13.34 8.16
C ALA B 159 -6.56 14.65 7.83
N ASP B 160 -6.59 15.53 8.83
CA ASP B 160 -7.20 16.86 8.75
C ASP B 160 -6.73 17.66 9.97
N GLU B 162 -13.70 15.73 7.48
CA GLU B 162 -13.58 14.87 8.64
C GLU B 162 -14.16 13.47 8.41
N VAL B 163 -13.74 12.56 9.27
CA VAL B 163 -14.20 11.18 9.32
C VAL B 163 -14.93 11.00 10.64
N ASP B 164 -16.10 10.36 10.61
CA ASP B 164 -16.85 10.13 11.85
C ASP B 164 -16.28 8.89 12.53
N PHE B 165 -15.67 9.09 13.70
CA PHE B 165 -15.05 7.99 14.42
C PHE B 165 -16.07 7.05 15.08
N THR B 166 -17.36 7.33 14.96
CA THR B 166 -18.38 6.42 15.49
C THR B 166 -18.97 5.51 14.42
N ALA B 167 -18.47 5.59 13.19
CA ALA B 167 -18.92 4.72 12.13
C ALA B 167 -18.30 3.33 12.29
N SER B 168 -18.94 2.34 11.68
CA SER B 168 -18.37 1.00 11.63
C SER B 168 -17.22 0.94 10.64
N LEU B 169 -16.16 0.24 11.01
CA LEU B 169 -15.02 -0.02 10.14
C LEU B 169 -14.99 -1.50 9.80
N TYR B 170 -14.81 -1.80 8.52
CA TYR B 170 -14.62 -3.16 8.03
C TYR B 170 -13.24 -3.23 7.40
N CYS B 171 -12.32 -3.97 8.03
CA CYS B 171 -10.96 -4.01 7.52
C CYS B 171 -10.84 -5.04 6.41
N ASP B 172 -9.76 -4.93 5.63
CA ASP B 172 -9.53 -5.84 4.52
C ASP B 172 -8.77 -7.07 5.00
N PHE B 173 -8.74 -8.08 4.13
CA PHE B 173 -8.36 -9.44 4.48
C PHE B 173 -6.85 -9.60 4.44
N ARG B 174 -6.30 -10.31 5.42
CA ARG B 174 -4.87 -10.60 5.44
C ARG B 174 -4.63 -11.83 6.31
N GLY B 175 -3.39 -12.29 6.35
CA GLY B 175 -3.03 -13.38 7.24
C GLY B 175 -2.91 -12.90 8.68
N GLY B 176 -2.86 -13.85 9.60
CA GLY B 176 -2.64 -13.50 11.00
C GLY B 176 -3.72 -12.61 11.56
N ASP B 177 -3.31 -11.66 12.41
CA ASP B 177 -4.27 -10.74 13.01
C ASP B 177 -4.75 -9.73 11.99
N GLN B 178 -6.07 -9.56 11.88
CA GLN B 178 -6.62 -8.62 10.90
C GLN B 178 -6.35 -7.18 11.29
N TRP B 179 -6.27 -6.89 12.59
CA TRP B 179 -5.95 -5.55 13.06
C TRP B 179 -4.49 -5.49 13.52
#